data_3HS8
#
_entry.id   3HS8
#
_cell.length_a   64.484
_cell.length_b   120.412
_cell.length_c   32.220
_cell.angle_alpha   90.000
_cell.angle_beta   90.000
_cell.angle_gamma   90.000
#
_symmetry.space_group_name_H-M   'P 21 21 2'
#
loop_
_entity.id
_entity.type
_entity.pdbx_description
1 polymer 'Adaptor protein complex AP-2, alpha 2 subunit'
2 polymer 'peptide from Intersectin-1, residues 840-851'
3 water water
#
loop_
_entity_poly.entity_id
_entity_poly.type
_entity_poly.pdbx_seq_one_letter_code
_entity_poly.pdbx_strand_id
1 'polypeptide(L)'
;MGSSHHHHHHSSGLVPRGSHMASMTGGQQMGRGSEFEDNFARFVCKNNGVLFENQLLQIGLKSEFRQNLGRMFIFYGNKT
STQFLNFTPTLICADDLQTNLNLQTKPVDPTVDGGAQVQQVVNIECISDFTEAPVLNIQFRYGGTFQNVSVKLPITLNKF
FQPTEMASQDFFQRWKQLSNPQQEVQNIFKAKHPMDTEITKAKIIGFGSALLEEVDPNPANFVGAGIIHTKTTQIGCLLR
LEPNLQAQMYRLTLRTSKDTVSQRLCELLSEQF
;
A
2 'polypeptide(L)' PNNWADFSSTWP P
#
# COMPACT_ATOMS: atom_id res chain seq x y z
N PHE A 36 -18.12 6.27 10.60
CA PHE A 36 -17.34 6.02 9.40
C PHE A 36 -16.22 5.01 9.55
N GLU A 37 -15.81 4.48 8.40
CA GLU A 37 -14.73 3.49 8.27
C GLU A 37 -13.64 4.10 7.39
N ASP A 38 -12.39 4.13 7.86
CA ASP A 38 -11.22 4.57 7.10
C ASP A 38 -10.22 3.45 7.11
N ASN A 39 -9.94 2.91 5.93
CA ASN A 39 -9.18 1.67 5.88
C ASN A 39 -7.84 1.87 5.22
N PHE A 40 -7.35 3.11 5.14
CA PHE A 40 -6.03 3.33 4.50
C PHE A 40 -4.92 2.37 4.99
N ALA A 41 -4.77 2.23 6.31
CA ALA A 41 -3.69 1.42 6.90
C ALA A 41 -3.85 -0.07 6.65
N ARG A 42 -5.00 -0.46 6.10
CA ARG A 42 -5.25 -1.86 5.80
C ARG A 42 -4.94 -2.16 4.34
N PHE A 43 -4.10 -1.33 3.70
CA PHE A 43 -3.77 -1.59 2.30
C PHE A 43 -2.28 -1.79 2.06
N VAL A 44 -1.52 -2.08 3.09
CA VAL A 44 -0.08 -2.27 2.86
C VAL A 44 0.18 -3.51 1.99
N CYS A 45 -0.60 -4.59 2.23
CA CYS A 45 -0.33 -5.88 1.63
C CYS A 45 -1.48 -6.37 0.78
N LYS A 46 -2.38 -5.47 0.40
CA LYS A 46 -3.43 -5.76 -0.58
C LYS A 46 -3.71 -4.51 -1.44
N ASN A 47 -4.38 -4.69 -2.60
CA ASN A 47 -4.54 -3.56 -3.56
C ASN A 47 -5.99 -3.10 -3.73
N ASN A 48 -6.97 -3.87 -3.21
CA ASN A 48 -8.38 -3.68 -3.49
C ASN A 48 -9.21 -3.82 -2.25
N GLY A 49 -10.26 -3.01 -2.14
CA GLY A 49 -11.19 -3.13 -1.03
C GLY A 49 -11.95 -1.82 -0.79
N VAL A 50 -12.66 -1.74 0.32
CA VAL A 50 -13.33 -0.46 0.71
C VAL A 50 -12.27 0.45 1.36
N LEU A 51 -12.08 1.65 0.82
CA LEU A 51 -11.15 2.62 1.44
C LEU A 51 -11.83 3.41 2.56
N PHE A 52 -13.06 3.81 2.32
CA PHE A 52 -13.84 4.65 3.22
C PHE A 52 -15.30 4.32 3.03
N GLU A 53 -16.04 4.31 4.15
CA GLU A 53 -17.47 4.17 4.10
C GLU A 53 -18.13 4.86 5.30
N ASN A 54 -19.17 5.64 5.02
CA ASN A 54 -20.04 6.17 6.08
C ASN A 54 -21.48 5.91 5.68
N GLN A 55 -22.45 6.60 6.27
CA GLN A 55 -23.83 6.30 5.98
C GLN A 55 -24.21 6.71 4.55
N LEU A 56 -23.54 7.72 4.01
CA LEU A 56 -23.94 8.32 2.75
C LEU A 56 -23.17 7.71 1.59
N LEU A 57 -21.88 7.48 1.80
CA LEU A 57 -20.95 7.23 0.72
C LEU A 57 -20.04 6.03 0.95
N GLN A 58 -19.89 5.20 -0.08
CA GLN A 58 -18.84 4.19 -0.07
C GLN A 58 -17.78 4.59 -1.09
N ILE A 59 -16.52 4.57 -0.68
CA ILE A 59 -15.38 4.75 -1.59
C ILE A 59 -14.65 3.40 -1.70
N GLY A 60 -14.93 2.65 -2.78
CA GLY A 60 -14.17 1.42 -3.06
C GLY A 60 -12.97 1.70 -3.93
N LEU A 61 -12.03 0.75 -3.96
CA LEU A 61 -10.80 1.02 -4.62
C LEU A 61 -10.27 -0.26 -5.20
N LYS A 62 -9.81 -0.21 -6.44
CA LYS A 62 -8.97 -1.30 -6.97
C LYS A 62 -7.69 -0.68 -7.48
N SER A 63 -6.57 -1.39 -7.41
CA SER A 63 -5.35 -0.79 -7.89
C SER A 63 -4.41 -1.85 -8.44
N GLU A 64 -3.55 -1.39 -9.33
CA GLU A 64 -2.56 -2.24 -9.99
C GLU A 64 -1.27 -1.43 -10.19
N PHE A 65 -0.14 -2.12 -10.14
CA PHE A 65 1.15 -1.46 -10.20
C PHE A 65 2.08 -2.34 -11.01
N ARG A 66 3.00 -1.69 -11.69
CA ARG A 66 4.00 -2.38 -12.48
C ARG A 66 5.21 -1.44 -12.58
N GLN A 67 6.38 -1.97 -12.23
CA GLN A 67 7.59 -1.10 -12.17
C GLN A 67 7.26 0.13 -11.31
N ASN A 68 7.60 1.31 -11.79
CA ASN A 68 7.42 2.55 -11.04
C ASN A 68 6.05 3.21 -11.33
N LEU A 69 5.12 2.46 -11.92
CA LEU A 69 3.81 3.05 -12.31
C LEU A 69 2.65 2.32 -11.63
N GLY A 70 1.52 3.02 -11.47
CA GLY A 70 0.32 2.38 -10.98
C GLY A 70 -0.92 2.99 -11.58
N ARG A 71 -2.02 2.29 -11.41
CA ARG A 71 -3.34 2.82 -11.72
C ARG A 71 -4.29 2.48 -10.60
N MET A 72 -5.11 3.46 -10.22
CA MET A 72 -5.98 3.29 -9.08
C MET A 72 -7.37 3.70 -9.52
N PHE A 73 -8.32 2.79 -9.33
CA PHE A 73 -9.70 3.01 -9.71
C PHE A 73 -10.47 3.29 -8.45
N ILE A 74 -11.08 4.46 -8.39
CA ILE A 74 -11.81 4.87 -7.19
C ILE A 74 -13.28 4.81 -7.54
N PHE A 75 -14.07 4.19 -6.66
CA PHE A 75 -15.48 3.96 -6.96
C PHE A 75 -16.28 4.70 -5.88
N TYR A 76 -16.99 5.73 -6.30
CA TYR A 76 -17.82 6.53 -5.40
C TYR A 76 -19.23 6.00 -5.43
N GLY A 77 -19.64 5.36 -4.34
CA GLY A 77 -20.96 4.76 -4.25
C GLY A 77 -21.90 5.63 -3.42
N ASN A 78 -23.02 6.00 -4.03
CA ASN A 78 -24.07 6.76 -3.36
C ASN A 78 -25.00 5.77 -2.68
N LYS A 79 -24.93 5.69 -1.34
CA LYS A 79 -25.75 4.71 -0.60
C LYS A 79 -27.16 5.24 -0.30
N THR A 80 -27.41 6.47 -0.71
CA THR A 80 -28.68 7.17 -0.40
C THR A 80 -29.64 7.22 -1.57
N SER A 81 -30.75 7.93 -1.37
CA SER A 81 -31.77 8.05 -2.40
C SER A 81 -31.77 9.44 -3.09
N THR A 82 -30.81 10.27 -2.72
CA THR A 82 -30.72 11.66 -3.20
C THR A 82 -29.42 11.80 -3.95
N GLN A 83 -29.42 12.52 -5.05
CA GLN A 83 -28.18 12.66 -5.81
C GLN A 83 -27.17 13.55 -5.06
N PHE A 84 -25.88 13.23 -5.15
CA PHE A 84 -24.85 14.19 -4.70
C PHE A 84 -24.61 15.18 -5.83
N LEU A 85 -24.27 16.43 -5.44
CA LEU A 85 -24.07 17.50 -6.41
C LEU A 85 -22.74 18.23 -6.13
N ASN A 86 -22.23 18.90 -7.16
CA ASN A 86 -20.94 19.54 -7.15
C ASN A 86 -19.93 18.60 -6.45
N PHE A 87 -19.96 17.33 -6.82
CA PHE A 87 -19.03 16.36 -6.26
C PHE A 87 -17.65 16.58 -6.89
N THR A 88 -16.73 17.12 -6.12
CA THR A 88 -15.41 17.45 -6.66
C THR A 88 -14.23 16.90 -5.85
N PRO A 89 -13.83 15.68 -6.15
CA PRO A 89 -12.64 15.08 -5.56
C PRO A 89 -11.34 15.82 -5.93
N THR A 90 -10.54 16.14 -4.91
CA THR A 90 -9.28 16.86 -5.04
C THR A 90 -8.18 15.99 -4.46
N LEU A 91 -7.13 15.75 -5.22
CA LEU A 91 -5.96 15.05 -4.67
C LEU A 91 -5.02 16.08 -4.06
N ILE A 92 -4.55 15.80 -2.85
CA ILE A 92 -3.59 16.65 -2.13
C ILE A 92 -2.32 15.87 -1.81
N CYS A 93 -1.18 16.45 -2.19
CA CYS A 93 0.13 15.83 -1.96
C CYS A 93 0.97 16.80 -1.12
N ALA A 94 1.31 16.39 0.10
CA ALA A 94 2.10 17.23 1.03
C ALA A 94 3.47 17.62 0.46
N ASP A 95 4.08 18.63 1.08
CA ASP A 95 5.29 19.32 0.58
C ASP A 95 6.22 18.49 -0.31
N ASP A 96 7.06 17.63 0.29
CA ASP A 96 8.05 16.84 -0.47
C ASP A 96 7.43 15.94 -1.51
N LEU A 97 6.23 15.46 -1.22
CA LEU A 97 5.61 14.32 -1.91
C LEU A 97 5.40 14.55 -3.41
N GLN A 98 5.13 15.81 -3.76
CA GLN A 98 4.81 16.16 -5.12
C GLN A 98 5.97 15.99 -6.09
N THR A 99 7.20 16.11 -5.59
CA THR A 99 8.40 15.93 -6.40
C THR A 99 8.76 14.44 -6.52
N ASN A 100 8.19 13.62 -5.65
CA ASN A 100 8.55 12.21 -5.59
C ASN A 100 7.52 11.30 -6.24
N LEU A 101 6.30 11.81 -6.37
CA LEU A 101 5.16 10.99 -6.74
C LEU A 101 4.20 11.79 -7.57
N ASN A 102 4.02 11.36 -8.82
CA ASN A 102 3.22 12.10 -9.78
C ASN A 102 1.87 11.43 -10.03
N LEU A 103 0.80 12.20 -9.84
CA LEU A 103 -0.57 11.70 -9.98
C LEU A 103 -1.36 12.44 -11.06
N GLN A 104 -1.96 11.70 -11.97
CA GLN A 104 -2.73 12.30 -13.07
C GLN A 104 -4.13 11.69 -13.08
N THR A 105 -5.14 12.55 -13.24
CA THR A 105 -6.53 12.10 -13.22
C THR A 105 -7.41 12.98 -14.12
N LYS A 106 -8.63 12.51 -14.40
CA LYS A 106 -9.58 13.27 -15.21
C LYS A 106 -10.66 13.88 -14.32
N PRO A 107 -11.42 14.88 -14.83
CA PRO A 107 -12.51 15.37 -14.00
C PRO A 107 -13.61 14.31 -13.90
N VAL A 108 -14.33 14.23 -12.80
CA VAL A 108 -15.43 13.27 -12.75
C VAL A 108 -16.78 13.96 -12.79
N ASP A 109 -17.84 13.14 -12.88
CA ASP A 109 -19.23 13.56 -12.68
C ASP A 109 -19.29 14.60 -11.57
N PRO A 110 -19.90 15.77 -11.84
CA PRO A 110 -20.25 16.68 -10.76
C PRO A 110 -21.43 16.12 -9.96
N THR A 111 -22.28 15.35 -10.65
CA THR A 111 -23.54 14.86 -10.12
C THR A 111 -23.48 13.35 -10.04
N VAL A 112 -23.82 12.81 -8.86
CA VAL A 112 -23.88 11.36 -8.61
C VAL A 112 -25.32 11.02 -8.18
N ASP A 113 -26.08 10.40 -9.08
CA ASP A 113 -27.45 9.98 -8.79
C ASP A 113 -27.53 9.05 -7.59
N GLY A 114 -28.64 9.14 -6.86
CA GLY A 114 -28.84 8.28 -5.68
C GLY A 114 -28.76 6.82 -6.06
N GLY A 115 -28.01 6.04 -5.30
CA GLY A 115 -27.85 4.63 -5.59
C GLY A 115 -26.88 4.31 -6.71
N ALA A 116 -26.31 5.33 -7.34
CA ALA A 116 -25.29 5.16 -8.39
C ALA A 116 -23.86 5.07 -7.88
N GLN A 117 -22.99 4.51 -8.72
CA GLN A 117 -21.59 4.37 -8.45
C GLN A 117 -20.83 4.95 -9.62
N VAL A 118 -19.88 5.84 -9.30
CA VAL A 118 -19.17 6.63 -10.28
C VAL A 118 -17.66 6.29 -10.16
N GLN A 119 -16.94 6.27 -11.28
CA GLN A 119 -15.54 5.84 -11.31
C GLN A 119 -14.58 6.99 -11.60
N GLN A 120 -13.45 7.02 -10.91
CA GLN A 120 -12.36 7.96 -11.18
C GLN A 120 -11.09 7.13 -11.37
N VAL A 121 -10.29 7.44 -12.38
CA VAL A 121 -9.02 6.72 -12.51
C VAL A 121 -7.88 7.70 -12.23
N VAL A 122 -6.96 7.26 -11.38
CA VAL A 122 -5.73 7.98 -11.06
C VAL A 122 -4.52 7.20 -11.63
N ASN A 123 -3.75 7.87 -12.48
CA ASN A 123 -2.46 7.34 -12.95
C ASN A 123 -1.33 7.82 -12.09
N ILE A 124 -0.50 6.87 -11.66
CA ILE A 124 0.50 7.15 -10.65
C ILE A 124 1.88 6.82 -11.21
N GLU A 125 2.84 7.69 -10.90
CA GLU A 125 4.22 7.47 -11.27
C GLU A 125 5.11 7.79 -10.07
N CYS A 126 5.87 6.80 -9.64
CA CYS A 126 6.89 7.03 -8.62
C CYS A 126 8.13 7.63 -9.24
N ILE A 127 8.45 8.88 -8.88
CA ILE A 127 9.68 9.51 -9.39
C ILE A 127 10.86 9.19 -8.47
N SER A 128 10.62 9.18 -7.16
CA SER A 128 11.61 8.72 -6.22
C SER A 128 10.93 8.21 -4.95
N ASP A 129 11.69 7.64 -4.03
CA ASP A 129 11.10 7.13 -2.81
C ASP A 129 10.43 8.24 -2.00
N PHE A 130 9.43 7.87 -1.22
CA PHE A 130 8.58 8.83 -0.50
C PHE A 130 8.01 8.13 0.73
N THR A 131 7.64 8.92 1.73
CA THR A 131 6.98 8.42 2.97
C THR A 131 5.50 8.79 3.07
N GLU A 132 5.18 10.05 2.76
CA GLU A 132 3.80 10.55 2.91
C GLU A 132 2.85 9.93 1.88
N ALA A 133 1.54 9.93 2.19
CA ALA A 133 0.53 9.42 1.29
C ALA A 133 -0.28 10.59 0.77
N PRO A 134 -0.70 10.55 -0.50
CA PRO A 134 -1.61 11.57 -1.03
C PRO A 134 -2.93 11.52 -0.30
N VAL A 135 -3.57 12.66 -0.20
CA VAL A 135 -4.89 12.77 0.39
C VAL A 135 -5.94 12.99 -0.69
N LEU A 136 -7.00 12.20 -0.62
CA LEU A 136 -8.17 12.38 -1.44
C LEU A 136 -9.20 13.16 -0.64
N ASN A 137 -9.51 14.38 -1.10
CA ASN A 137 -10.55 15.19 -0.49
C ASN A 137 -11.81 15.26 -1.37
N ILE A 138 -12.96 14.98 -0.75
CA ILE A 138 -14.23 14.91 -1.45
C ILE A 138 -15.21 15.91 -0.85
N GLN A 139 -15.64 16.86 -1.65
CA GLN A 139 -16.67 17.82 -1.24
C GLN A 139 -17.89 17.69 -2.14
N PHE A 140 -19.08 17.69 -1.54
CA PHE A 140 -20.34 17.71 -2.31
C PHE A 140 -21.51 18.27 -1.53
N ARG A 141 -22.50 18.77 -2.29
CA ARG A 141 -23.80 19.14 -1.73
C ARG A 141 -24.70 17.89 -1.64
N TYR A 142 -25.60 17.82 -0.66
CA TYR A 142 -26.49 16.67 -0.52
C TYR A 142 -27.78 17.07 0.21
N GLY A 143 -28.81 17.36 -0.57
CA GLY A 143 -30.10 17.75 -0.02
C GLY A 143 -30.04 19.09 0.70
N GLY A 144 -29.06 19.90 0.34
CA GLY A 144 -28.89 21.21 0.95
C GLY A 144 -27.81 21.24 1.99
N THR A 145 -27.28 20.05 2.32
CA THR A 145 -26.22 19.94 3.32
C THR A 145 -24.85 19.80 2.66
N PHE A 146 -23.85 20.47 3.23
CA PHE A 146 -22.49 20.42 2.71
C PHE A 146 -21.66 19.25 3.29
N GLN A 147 -21.26 18.33 2.42
CA GLN A 147 -20.47 17.14 2.82
C GLN A 147 -19.00 17.28 2.43
N ASN A 148 -18.13 16.93 3.36
CA ASN A 148 -16.68 17.08 3.19
C ASN A 148 -15.95 15.90 3.82
N VAL A 149 -15.29 15.11 2.98
CA VAL A 149 -14.60 13.87 3.41
C VAL A 149 -13.15 13.89 2.98
N SER A 150 -12.24 13.48 3.85
CA SER A 150 -10.86 13.27 3.47
C SER A 150 -10.36 11.88 3.92
N VAL A 151 -9.51 11.27 3.11
CA VAL A 151 -8.97 9.92 3.38
C VAL A 151 -7.63 9.83 2.62
N LYS A 152 -6.64 9.15 3.17
CA LYS A 152 -5.37 8.98 2.50
C LYS A 152 -5.53 7.85 1.49
N LEU A 153 -4.94 8.02 0.32
CA LEU A 153 -4.90 6.99 -0.69
C LEU A 153 -3.78 6.04 -0.35
N PRO A 154 -4.02 4.73 -0.55
CA PRO A 154 -3.06 3.69 -0.20
C PRO A 154 -2.00 3.55 -1.29
N ILE A 155 -1.19 4.58 -1.39
CA ILE A 155 -0.04 4.61 -2.25
C ILE A 155 1.13 4.76 -1.28
N THR A 156 1.80 3.62 -1.06
CA THR A 156 2.94 3.48 -0.17
C THR A 156 4.14 2.98 -1.00
N LEU A 157 5.35 3.10 -0.46
CA LEU A 157 6.54 2.83 -1.26
C LEU A 157 6.62 1.39 -1.81
N ASN A 158 6.08 0.45 -1.05
CA ASN A 158 6.08 -0.96 -1.43
C ASN A 158 5.11 -1.32 -2.59
N LYS A 159 4.27 -0.37 -3.00
CA LYS A 159 3.47 -0.59 -4.23
C LYS A 159 4.36 -0.63 -5.44
N PHE A 160 5.56 -0.06 -5.35
CA PHE A 160 6.53 -0.08 -6.42
C PHE A 160 7.59 -1.13 -6.21
N PHE A 161 7.25 -2.11 -5.38
CA PHE A 161 8.17 -3.20 -4.94
C PHE A 161 7.82 -4.42 -5.72
N GLN A 162 8.75 -4.92 -6.50
CA GLN A 162 8.48 -6.15 -7.29
CA GLN A 162 8.49 -6.12 -7.30
C GLN A 162 9.38 -7.30 -6.85
N PRO A 163 8.79 -8.51 -6.81
CA PRO A 163 9.55 -9.65 -6.26
C PRO A 163 10.66 -10.12 -7.17
N THR A 164 11.78 -10.59 -6.58
CA THR A 164 12.87 -11.16 -7.39
C THR A 164 13.36 -12.49 -6.76
N GLU A 165 13.12 -13.60 -7.44
CA GLU A 165 13.62 -14.89 -6.97
C GLU A 165 15.11 -14.91 -7.16
N MET A 166 15.80 -15.62 -6.29
CA MET A 166 17.22 -15.87 -6.50
C MET A 166 17.64 -17.03 -5.64
N ALA A 167 18.69 -17.71 -6.08
CA ALA A 167 19.32 -18.79 -5.34
C ALA A 167 20.01 -18.26 -4.07
N SER A 168 20.28 -19.15 -3.13
CA SER A 168 20.77 -18.69 -1.83
C SER A 168 22.16 -18.10 -1.89
N GLN A 169 23.06 -18.61 -2.74
CA GLN A 169 24.43 -18.07 -2.74
C GLN A 169 24.43 -16.64 -3.30
N ASP A 170 23.55 -16.41 -4.26
CA ASP A 170 23.35 -15.11 -4.83
C ASP A 170 22.79 -14.17 -3.77
N PHE A 171 21.77 -14.64 -3.05
CA PHE A 171 21.21 -13.87 -1.94
C PHE A 171 22.31 -13.45 -0.96
N PHE A 172 23.17 -14.38 -0.55
CA PHE A 172 24.18 -14.04 0.45
C PHE A 172 25.25 -13.07 -0.07
N GLN A 173 25.66 -13.22 -1.33
CA GLN A 173 26.56 -12.24 -1.96
C GLN A 173 25.94 -10.84 -1.92
N ARG A 174 24.66 -10.76 -2.29
CA ARG A 174 23.93 -9.50 -2.30
C ARG A 174 23.80 -8.92 -0.90
N TRP A 175 23.49 -9.78 0.07
CA TRP A 175 23.34 -9.31 1.44
C TRP A 175 24.66 -8.72 1.95
N LYS A 176 25.78 -9.41 1.67
CA LYS A 176 27.09 -8.96 2.14
C LYS A 176 27.58 -7.71 1.42
N GLN A 177 27.13 -7.52 0.18
CA GLN A 177 27.38 -6.30 -0.61
C GLN A 177 26.78 -5.08 0.13
N LEU A 178 25.66 -5.27 0.83
CA LEU A 178 24.98 -4.19 1.58
C LEU A 178 25.47 -4.10 3.02
N SER A 179 26.77 -3.85 3.16
CA SER A 179 27.43 -4.00 4.44
C SER A 179 27.60 -2.67 5.15
N ASN A 180 27.19 -1.58 4.50
CA ASN A 180 27.33 -0.24 5.06
C ASN A 180 26.24 -0.07 6.12
N PRO A 181 26.60 0.45 7.31
CA PRO A 181 25.59 0.52 8.37
C PRO A 181 24.35 1.32 8.01
N GLN A 182 24.50 2.29 7.08
CA GLN A 182 23.35 3.11 6.67
C GLN A 182 22.34 2.30 5.91
N GLN A 183 22.75 1.14 5.37
CA GLN A 183 21.89 0.39 4.48
C GLN A 183 20.96 -0.56 5.25
N GLU A 184 21.24 -0.80 6.52
CA GLU A 184 20.47 -1.80 7.25
C GLU A 184 19.56 -1.09 8.25
N VAL A 185 18.30 -1.48 8.29
CA VAL A 185 17.40 -1.01 9.32
C VAL A 185 16.80 -2.25 9.92
N GLN A 186 16.91 -2.38 11.22
CA GLN A 186 16.41 -3.55 11.92
C GLN A 186 15.39 -3.11 12.98
N ASN A 187 14.36 -3.92 13.18
CA ASN A 187 13.34 -3.60 14.18
C ASN A 187 12.97 -4.87 14.94
N ILE A 188 12.91 -4.77 16.26
CA ILE A 188 12.54 -5.88 17.12
C ILE A 188 11.25 -5.45 17.78
N PHE A 189 10.20 -6.25 17.61
CA PHE A 189 8.86 -5.81 18.01
C PHE A 189 7.95 -6.98 18.41
N LYS A 190 6.96 -6.66 19.23
CA LYS A 190 5.98 -7.63 19.72
C LYS A 190 4.93 -7.84 18.62
N ALA A 191 4.55 -9.09 18.37
CA ALA A 191 3.56 -9.37 17.30
C ALA A 191 2.20 -8.74 17.65
N LYS A 192 1.52 -8.16 16.67
CA LYS A 192 0.12 -7.71 16.85
C LYS A 192 -0.83 -8.82 16.53
N HIS A 193 -0.38 -9.77 15.73
CA HIS A 193 -1.26 -10.84 15.23
C HIS A 193 -0.73 -12.24 15.58
N PRO A 194 -1.58 -13.30 15.43
CA PRO A 194 -1.10 -14.64 15.74
C PRO A 194 0.23 -14.97 14.99
N MET A 195 1.10 -15.76 15.61
CA MET A 195 2.38 -16.16 14.96
C MET A 195 2.08 -17.27 13.91
N ASP A 196 1.41 -16.88 12.83
CA ASP A 196 0.79 -17.81 11.89
C ASP A 196 1.62 -17.84 10.60
N THR A 197 2.25 -19.00 10.37
CA THR A 197 3.29 -19.13 9.30
C THR A 197 2.70 -18.83 7.95
N GLU A 198 1.57 -19.46 7.63
CA GLU A 198 0.99 -19.25 6.27
C GLU A 198 0.50 -17.81 6.06
N ILE A 199 -0.05 -17.20 7.11
CA ILE A 199 -0.45 -15.80 6.98
C ILE A 199 0.76 -14.88 6.81
N THR A 200 1.81 -15.13 7.58
CA THR A 200 3.03 -14.36 7.45
C THR A 200 3.64 -14.41 6.05
N LYS A 201 3.76 -15.62 5.52
CA LYS A 201 4.14 -15.78 4.09
C LYS A 201 3.29 -14.94 3.12
N ALA A 202 1.96 -15.06 3.21
CA ALA A 202 1.10 -14.25 2.35
C ALA A 202 1.32 -12.74 2.53
N LYS A 203 1.59 -12.25 3.76
CA LYS A 203 1.91 -10.83 4.01
C LYS A 203 3.17 -10.40 3.28
N ILE A 204 4.20 -11.22 3.36
CA ILE A 204 5.47 -10.87 2.68
C ILE A 204 5.23 -10.80 1.16
N ILE A 205 4.47 -11.76 0.64
CA ILE A 205 4.19 -11.77 -0.80
C ILE A 205 3.30 -10.57 -1.20
N GLY A 206 2.25 -10.32 -0.43
CA GLY A 206 1.32 -9.19 -0.72
C GLY A 206 2.02 -7.83 -0.56
N PHE A 207 3.07 -7.78 0.27
CA PHE A 207 3.92 -6.62 0.39
C PHE A 207 4.68 -6.29 -0.92
N GLY A 208 5.00 -7.30 -1.73
CA GLY A 208 5.71 -7.08 -2.99
C GLY A 208 7.04 -7.80 -3.07
N SER A 209 7.43 -8.43 -1.97
CA SER A 209 8.68 -9.20 -1.90
C SER A 209 8.53 -10.61 -2.47
N ALA A 210 9.62 -11.17 -2.98
CA ALA A 210 9.65 -12.60 -3.28
C ALA A 210 9.79 -13.27 -1.91
N LEU A 211 9.32 -14.51 -1.78
CA LEU A 211 9.59 -15.26 -0.56
C LEU A 211 10.56 -16.36 -0.94
N LEU A 212 11.75 -16.30 -0.36
CA LEU A 212 12.86 -17.17 -0.75
C LEU A 212 12.98 -18.31 0.25
N GLU A 213 12.69 -19.52 -0.22
CA GLU A 213 12.80 -20.77 0.61
C GLU A 213 14.19 -21.37 0.60
N GLU A 214 14.61 -21.90 1.74
CA GLU A 214 15.91 -22.62 1.81
C GLU A 214 17.12 -21.69 1.54
N VAL A 215 16.95 -20.41 1.89
CA VAL A 215 18.06 -19.48 1.94
C VAL A 215 18.60 -19.34 3.38
N ASP A 216 17.70 -19.02 4.32
CA ASP A 216 18.05 -19.05 5.74
C ASP A 216 18.02 -20.54 6.11
N PRO A 217 19.14 -21.05 6.64
CA PRO A 217 19.15 -22.48 6.97
C PRO A 217 18.21 -22.79 8.15
N ASN A 218 17.76 -21.75 8.86
CA ASN A 218 16.72 -21.93 9.89
C ASN A 218 15.37 -21.91 9.13
N PRO A 219 14.67 -23.06 9.08
CA PRO A 219 13.41 -23.12 8.33
C PRO A 219 12.29 -22.25 8.94
N ALA A 220 12.44 -21.87 10.22
CA ALA A 220 11.49 -20.99 10.90
C ALA A 220 11.49 -19.55 10.37
N ASN A 221 12.60 -19.08 9.79
CA ASN A 221 12.75 -17.69 9.38
C ASN A 221 12.27 -17.47 7.96
N PHE A 222 12.05 -16.20 7.61
CA PHE A 222 11.51 -15.87 6.31
C PHE A 222 12.53 -14.96 5.66
N VAL A 223 12.76 -15.16 4.37
CA VAL A 223 13.72 -14.31 3.65
C VAL A 223 12.99 -13.77 2.41
N GLY A 224 13.14 -12.50 2.14
CA GLY A 224 12.55 -11.93 0.95
C GLY A 224 13.50 -11.10 0.14
N ALA A 225 13.15 -10.86 -1.12
CA ALA A 225 13.97 -10.00 -1.98
C ALA A 225 13.07 -9.38 -3.06
N GLY A 226 13.36 -8.13 -3.41
CA GLY A 226 12.70 -7.54 -4.57
C GLY A 226 13.40 -6.25 -4.97
N ILE A 227 12.75 -5.50 -5.87
CA ILE A 227 13.33 -4.25 -6.37
C ILE A 227 12.27 -3.15 -6.22
N ILE A 228 12.69 -2.00 -5.69
CA ILE A 228 11.85 -0.78 -5.72
C ILE A 228 12.13 -0.06 -7.00
N HIS A 229 11.09 0.15 -7.80
CA HIS A 229 11.24 0.82 -9.08
C HIS A 229 10.96 2.32 -8.92
N THR A 230 11.92 3.14 -9.32
CA THR A 230 11.70 4.59 -9.39
C THR A 230 12.00 5.05 -10.83
N LYS A 231 11.84 6.34 -11.12
CA LYS A 231 12.11 6.83 -12.46
C LYS A 231 13.58 6.66 -12.91
N THR A 232 14.53 6.72 -11.98
CA THR A 232 15.94 6.83 -12.40
C THR A 232 16.77 5.69 -11.86
N THR A 233 16.15 4.85 -11.01
CA THR A 233 16.88 3.79 -10.43
C THR A 233 15.99 2.62 -9.99
N GLN A 234 16.59 1.44 -9.87
CA GLN A 234 15.97 0.29 -9.29
C GLN A 234 16.72 0.18 -7.98
N ILE A 235 16.04 -0.03 -6.86
CA ILE A 235 16.74 -0.20 -5.60
C ILE A 235 16.53 -1.63 -5.16
N GLY A 236 17.61 -2.41 -5.12
CA GLY A 236 17.53 -3.77 -4.61
C GLY A 236 17.23 -3.78 -3.11
N CYS A 237 16.25 -4.57 -2.71
CA CYS A 237 15.87 -4.64 -1.29
C CYS A 237 15.83 -6.09 -0.83
N LEU A 238 16.51 -6.40 0.27
CA LEU A 238 16.54 -7.76 0.87
C LEU A 238 15.99 -7.64 2.30
N LEU A 239 15.35 -8.70 2.79
CA LEU A 239 14.78 -8.68 4.13
C LEU A 239 14.84 -10.03 4.80
N ARG A 240 14.95 -10.01 6.12
CA ARG A 240 14.93 -11.24 6.89
C ARG A 240 13.94 -11.01 8.04
N LEU A 241 12.98 -11.93 8.20
CA LEU A 241 12.04 -11.89 9.33
C LEU A 241 12.24 -13.14 10.21
N GLU A 242 12.52 -12.91 11.47
CA GLU A 242 12.89 -13.96 12.43
C GLU A 242 11.81 -13.96 13.53
N PRO A 243 10.92 -14.97 13.54
CA PRO A 243 9.91 -15.06 14.61
C PRO A 243 10.48 -15.66 15.87
N ASN A 244 9.96 -15.25 17.01
CA ASN A 244 10.22 -15.98 18.24
C ASN A 244 8.85 -16.43 18.73
N LEU A 245 8.56 -17.70 18.54
CA LEU A 245 7.23 -18.19 18.74
C LEU A 245 6.85 -18.09 20.20
N GLN A 246 7.77 -18.43 21.09
CA GLN A 246 7.45 -18.52 22.52
C GLN A 246 7.26 -17.14 23.16
N ALA A 247 8.00 -16.15 22.65
CA ALA A 247 7.93 -14.76 23.17
C ALA A 247 6.92 -13.90 22.39
N GLN A 248 6.42 -14.43 21.26
CA GLN A 248 5.58 -13.70 20.35
C GLN A 248 6.26 -12.38 19.89
N MET A 249 7.55 -12.47 19.51
CA MET A 249 8.33 -11.32 19.10
C MET A 249 8.79 -11.59 17.67
N TYR A 250 9.09 -10.54 16.91
CA TYR A 250 9.83 -10.67 15.68
C TYR A 250 11.07 -9.77 15.65
N ARG A 251 12.10 -10.23 14.95
CA ARG A 251 13.17 -9.36 14.45
C ARG A 251 13.08 -9.29 12.92
N LEU A 252 12.87 -8.08 12.41
CA LEU A 252 12.84 -7.78 10.98
C LEU A 252 14.05 -6.96 10.60
N THR A 253 14.75 -7.39 9.54
CA THR A 253 15.93 -6.67 9.08
C THR A 253 15.76 -6.37 7.60
N LEU A 254 15.96 -5.12 7.20
CA LEU A 254 15.88 -4.76 5.78
C LEU A 254 17.16 -4.09 5.29
N ARG A 255 17.78 -4.67 4.27
CA ARG A 255 18.99 -4.12 3.72
C ARG A 255 18.65 -3.66 2.29
N THR A 256 18.90 -2.37 2.06
CA THR A 256 18.75 -1.79 0.70
C THR A 256 19.82 -0.73 0.48
N SER A 257 20.09 -0.36 -0.78
CA SER A 257 21.19 0.57 -1.06
C SER A 257 20.83 2.00 -0.70
N LYS A 258 19.59 2.26 -0.24
CA LYS A 258 19.24 3.66 0.11
C LYS A 258 18.65 3.70 1.52
N ASP A 259 19.31 4.46 2.42
CA ASP A 259 18.89 4.46 3.83
C ASP A 259 17.38 4.73 3.96
N THR A 260 16.88 5.74 3.23
CA THR A 260 15.49 6.16 3.39
C THR A 260 14.50 5.09 2.94
N VAL A 261 14.90 4.29 1.94
CA VAL A 261 14.10 3.11 1.52
C VAL A 261 14.12 1.99 2.57
N SER A 262 15.31 1.69 3.10
CA SER A 262 15.41 0.68 4.16
C SER A 262 14.47 1.04 5.33
N GLN A 263 14.48 2.32 5.71
CA GLN A 263 13.69 2.82 6.84
C GLN A 263 12.18 2.68 6.56
N ARG A 264 11.76 3.23 5.42
CA ARG A 264 10.33 3.29 5.09
C ARG A 264 9.78 1.87 4.92
N LEU A 265 10.51 1.00 4.21
CA LEU A 265 10.06 -0.41 3.99
C LEU A 265 9.96 -1.15 5.33
N CYS A 266 10.95 -0.91 6.21
CA CYS A 266 10.96 -1.56 7.52
C CYS A 266 9.76 -1.09 8.36
N GLU A 267 9.44 0.21 8.32
CA GLU A 267 8.32 0.67 9.16
C GLU A 267 6.97 0.21 8.62
N LEU A 268 6.83 0.12 7.28
CA LEU A 268 5.60 -0.39 6.68
C LEU A 268 5.43 -1.87 6.99
N LEU A 269 6.51 -2.62 6.78
CA LEU A 269 6.42 -4.07 6.94
C LEU A 269 6.28 -4.52 8.41
N SER A 270 7.00 -3.86 9.31
CA SER A 270 6.90 -4.13 10.77
C SER A 270 5.47 -4.08 11.29
N GLU A 271 4.67 -3.21 10.69
CA GLU A 271 3.33 -2.89 11.17
C GLU A 271 2.30 -4.00 10.81
N GLN A 272 2.71 -4.97 9.96
CA GLN A 272 1.81 -5.98 9.42
C GLN A 272 1.74 -7.25 10.28
N PHE A 273 2.64 -7.41 11.25
CA PHE A 273 2.74 -8.72 11.97
C PHE A 273 2.40 -8.72 13.45
N PRO B 1 -31.47 -1.89 -14.37
CA PRO B 1 -30.31 -1.11 -13.91
C PRO B 1 -30.26 -1.04 -12.39
N ASN B 2 -29.04 -0.99 -11.82
CA ASN B 2 -28.87 -0.82 -10.37
C ASN B 2 -27.45 -1.02 -9.85
N ASN B 3 -26.84 -2.16 -10.19
CA ASN B 3 -25.73 -2.72 -9.40
C ASN B 3 -24.28 -2.23 -9.64
N TRP B 4 -23.46 -2.43 -8.61
CA TRP B 4 -22.17 -1.80 -8.45
C TRP B 4 -21.03 -2.80 -8.59
N ALA B 5 -19.84 -2.31 -8.98
CA ALA B 5 -18.61 -3.00 -8.62
C ALA B 5 -18.77 -3.12 -7.11
N ASP B 6 -18.90 -4.35 -6.62
CA ASP B 6 -19.27 -4.46 -5.20
C ASP B 6 -18.08 -4.66 -4.28
N PHE B 7 -18.07 -3.84 -3.23
CA PHE B 7 -17.09 -3.94 -2.16
C PHE B 7 -17.92 -4.07 -0.89
N SER B 8 -17.29 -4.50 0.21
CA SER B 8 -18.02 -4.72 1.47
C SER B 8 -17.13 -4.43 2.68
N SER B 9 -17.65 -3.63 3.62
CA SER B 9 -16.96 -3.31 4.88
C SER B 9 -17.07 -4.44 5.91
N THR B 10 -17.97 -5.38 5.65
CA THR B 10 -18.15 -6.52 6.54
C THR B 10 -17.89 -7.84 5.77
N TRP B 11 -18.90 -8.68 5.59
CA TRP B 11 -18.71 -9.99 4.96
C TRP B 11 -18.60 -9.86 3.48
N PRO B 12 -17.96 -10.81 2.79
CA PRO B 12 -17.43 -12.09 3.29
C PRO B 12 -18.19 -13.11 4.24
#